data_3VQH
#
_entry.id   3VQH
#
_cell.length_a   72.730
_cell.length_b   75.180
_cell.length_c   80.330
_cell.angle_alpha   90.00
_cell.angle_beta   90.00
_cell.angle_gamma   90.00
#
_symmetry.space_group_name_H-M   'P 21 21 21'
#
loop_
_entity.id
_entity.type
_entity.pdbx_description
1 polymer 'cAMP-dependent protein kinase catalytic subunit alpha'
2 polymer 'cAMP-dependent protein kinase inhibitor alpha'
3 non-polymer 'N-[2-(4-BROMOCINNAMYLAMINO)ETHYL]-5-ISOQUINOLINE SULFONAMIDE'
4 non-polymer (4S)-2-METHYL-2,4-PENTANEDIOL
5 water water
#
loop_
_entity_poly.entity_id
_entity_poly.type
_entity_poly.pdbx_seq_one_letter_code
_entity_poly.pdbx_strand_id
1 'polypeptide(L)'
;MGNAAAAKKG(SEP)EQESVKEFLAKAKEDFLKKWESPAQNTAHLDQFERIKTLGTGSFGRVMLVKHKETGNHYAMKILD
KQKVVKLKQIEHTLNEKRILQAVNFPFLVKLEFSFKDNSNLYMVMEYVPGGEMFSHLRRIGRFSEPHARFYAAQIVLTFE
YLHSLDLIYRDLKPENLLIDQQGYIQVTDFGFAKRVKGRTW(TPO)LCGTPEYLAPEIILSKGYNKAVDWWALGVLIYEM
AAGYPPFFADQPIQIYEKIVSGKVRFPSHFSSDLKDLLRNLLQVDLTKRFGNLKNGVNDIKNHKWFATTDWIAIYQRKVE
APFIPKFKGPGDTSNFDDYEEEEIRV(SEP)INEKCGKEFSEF
;
A
2 'polypeptide(L)' TTYADFIASGRTGRRNAIHD B
#
loop_
_chem_comp.id
_chem_comp.type
_chem_comp.name
_chem_comp.formula
IQB non-polymer 'N-[2-(4-BROMOCINNAMYLAMINO)ETHYL]-5-ISOQUINOLINE SULFONAMIDE' 'C20 H20 Br N3 O2 S'
MPD non-polymer (4S)-2-METHYL-2,4-PENTANEDIOL 'C6 H14 O2'
#
# COMPACT_ATOMS: atom_id res chain seq x y z
N ALA A 5 20.46 -6.96 -20.40
CA ALA A 5 19.71 -7.80 -19.42
C ALA A 5 18.26 -7.31 -19.27
N ALA A 6 18.10 -6.01 -19.02
CA ALA A 6 16.78 -5.36 -18.83
C ALA A 6 15.87 -5.47 -20.07
N ALA A 7 16.48 -5.54 -21.26
CA ALA A 7 15.73 -5.66 -22.51
C ALA A 7 15.51 -7.12 -22.92
N LYS A 8 16.42 -8.00 -22.50
CA LYS A 8 16.42 -9.40 -22.94
C LYS A 8 15.14 -10.16 -22.58
N LYS A 9 14.56 -10.82 -23.58
CA LYS A 9 13.34 -11.61 -23.41
C LYS A 9 13.64 -13.10 -23.28
N GLY A 10 14.28 -13.48 -22.17
CA GLY A 10 14.64 -14.86 -21.88
C GLY A 10 13.50 -15.71 -21.34
N SEP A 11 13.77 -17.00 -21.15
CA SEP A 11 12.75 -17.97 -20.72
CB SEP A 11 13.34 -19.38 -20.69
OG SEP A 11 14.42 -19.42 -19.75
C SEP A 11 12.12 -17.59 -19.38
O SEP A 11 10.95 -17.88 -19.15
P SEP A 11 14.80 -20.75 -18.90
O1P SEP A 11 15.75 -20.24 -17.83
O2P SEP A 11 13.48 -21.26 -18.35
O3P SEP A 11 15.42 -21.67 -19.95
N GLU A 12 12.89 -16.92 -18.52
CA GLU A 12 12.37 -16.38 -17.26
C GLU A 12 11.19 -15.43 -17.50
N GLN A 13 11.36 -14.52 -18.46
CA GLN A 13 10.29 -13.57 -18.86
C GLN A 13 9.01 -14.28 -19.29
N GLU A 14 9.13 -15.35 -20.07
CA GLU A 14 7.97 -16.13 -20.48
C GLU A 14 7.24 -16.79 -19.30
N SER A 15 7.98 -17.30 -18.31
CA SER A 15 7.37 -17.87 -17.10
C SER A 15 6.53 -16.84 -16.36
N VAL A 16 7.08 -15.63 -16.19
CA VAL A 16 6.36 -14.51 -15.57
C VAL A 16 5.09 -14.24 -16.37
N LYS A 17 5.25 -14.09 -17.68
CA LYS A 17 4.12 -13.83 -18.56
C LYS A 17 3.00 -14.88 -18.41
N GLU A 18 3.41 -16.15 -18.38
CA GLU A 18 2.52 -17.29 -18.23
C GLU A 18 1.74 -17.16 -16.92
N PHE A 19 2.48 -16.94 -15.83
CA PHE A 19 1.92 -16.75 -14.49
C PHE A 19 0.89 -15.61 -14.45
N LEU A 20 1.26 -14.49 -15.07
CA LEU A 20 0.39 -13.32 -15.08
C LEU A 20 -0.89 -13.51 -15.91
N ALA A 21 -0.81 -14.22 -17.03
CA ALA A 21 -2.03 -14.54 -17.80
C ALA A 21 -3.04 -15.35 -16.97
N LYS A 22 -2.56 -16.37 -16.25
CA LYS A 22 -3.43 -17.16 -15.38
C LYS A 22 -4.00 -16.29 -14.24
N ALA A 23 -3.14 -15.41 -13.70
CA ALA A 23 -3.57 -14.53 -12.62
C ALA A 23 -4.66 -13.59 -13.08
N LYS A 24 -4.57 -13.12 -14.33
CA LYS A 24 -5.60 -12.26 -14.90
C LYS A 24 -6.92 -13.00 -15.13
N GLU A 25 -6.84 -14.25 -15.61
CA GLU A 25 -8.06 -15.06 -15.68
C GLU A 25 -8.81 -15.19 -14.35
N ASP A 26 -8.09 -15.53 -13.29
CA ASP A 26 -8.68 -15.66 -11.94
C ASP A 26 -9.28 -14.31 -11.50
N PHE A 27 -8.55 -13.23 -11.75
CA PHE A 27 -8.98 -11.90 -11.27
C PHE A 27 -10.25 -11.45 -11.95
N LEU A 28 -10.33 -11.64 -13.27
CA LEU A 28 -11.45 -11.14 -14.07
C LEU A 28 -12.75 -11.80 -13.65
N LYS A 29 -12.70 -13.08 -13.33
CA LYS A 29 -13.90 -13.80 -12.87
C LYS A 29 -14.48 -13.16 -11.60
N LYS A 30 -13.61 -12.82 -10.67
CA LYS A 30 -14.05 -12.21 -9.42
C LYS A 30 -14.38 -10.73 -9.63
N TRP A 31 -13.67 -10.10 -10.56
CA TRP A 31 -13.92 -8.69 -10.91
C TRP A 31 -15.31 -8.53 -11.46
N GLU A 32 -15.69 -9.46 -12.34
CA GLU A 32 -16.99 -9.39 -12.98
C GLU A 32 -18.14 -9.88 -12.09
N SER A 33 -17.86 -10.80 -11.15
CA SER A 33 -18.89 -11.26 -10.19
C SER A 33 -18.41 -11.19 -8.76
N PRO A 34 -18.43 -9.98 -8.16
CA PRO A 34 -17.85 -9.77 -6.82
C PRO A 34 -18.58 -10.52 -5.72
N ALA A 35 -17.83 -11.09 -4.77
CA ALA A 35 -18.42 -11.60 -3.53
C ALA A 35 -19.09 -10.44 -2.78
N GLN A 36 -20.24 -10.71 -2.19
CA GLN A 36 -21.04 -9.72 -1.54
C GLN A 36 -21.74 -10.35 -0.35
N ASN A 37 -21.86 -9.58 0.72
CA ASN A 37 -22.65 -9.94 1.90
C ASN A 37 -22.30 -11.33 2.46
N THR A 38 -21.04 -11.53 2.82
CA THR A 38 -20.55 -12.86 3.16
C THR A 38 -20.38 -13.09 4.65
N ALA A 39 -20.79 -12.11 5.45
CA ALA A 39 -20.81 -12.29 6.89
C ALA A 39 -21.76 -11.26 7.52
N HIS A 40 -21.80 -11.23 8.85
CA HIS A 40 -22.61 -10.27 9.59
C HIS A 40 -21.84 -9.82 10.81
N LEU A 41 -22.08 -8.60 11.23
CA LEU A 41 -21.32 -7.98 12.32
C LEU A 41 -21.36 -8.81 13.60
N ASP A 42 -22.49 -9.44 13.87
CA ASP A 42 -22.69 -10.19 15.11
C ASP A 42 -21.86 -11.49 15.14
N GLN A 43 -21.27 -11.84 14.01
CA GLN A 43 -20.37 -13.02 13.92
C GLN A 43 -18.98 -12.76 14.50
N PHE A 44 -18.74 -11.51 14.89
CA PHE A 44 -17.40 -11.08 15.26
C PHE A 44 -17.40 -10.42 16.61
N GLU A 45 -16.41 -10.74 17.41
CA GLU A 45 -16.19 -10.07 18.68
C GLU A 45 -15.14 -8.99 18.44
N ARG A 46 -15.49 -7.74 18.75
CA ARG A 46 -14.59 -6.61 18.50
C ARG A 46 -13.63 -6.43 19.67
N ILE A 47 -12.34 -6.39 19.37
CA ILE A 47 -11.35 -6.39 20.43
C ILE A 47 -10.69 -5.03 20.72
N LYS A 48 -10.12 -4.42 19.68
CA LYS A 48 -9.25 -3.27 19.88
C LYS A 48 -9.00 -2.59 18.54
N THR A 49 -8.92 -1.26 18.56
CA THR A 49 -8.65 -0.51 17.33
C THR A 49 -7.18 -0.59 16.95
N LEU A 50 -6.91 -0.89 15.68
CA LEU A 50 -5.55 -1.02 15.16
C LEU A 50 -5.12 0.19 14.33
N GLY A 51 -6.07 0.98 13.86
CA GLY A 51 -5.80 2.17 13.06
C GLY A 51 -7.07 2.94 12.79
N THR A 52 -6.94 4.22 12.44
CA THR A 52 -8.09 5.09 12.20
C THR A 52 -7.83 5.96 10.97
N GLY A 53 -8.91 6.39 10.34
CA GLY A 53 -8.84 7.21 9.16
C GLY A 53 -10.02 8.18 9.22
N SER A 54 -10.16 8.98 8.18
CA SER A 54 -11.15 10.04 8.11
C SER A 54 -12.60 9.54 8.24
N PHE A 55 -12.88 8.37 7.69
CA PHE A 55 -14.27 7.94 7.65
C PHE A 55 -14.53 6.59 8.32
N GLY A 56 -13.57 6.14 9.14
CA GLY A 56 -13.75 4.98 10.01
C GLY A 56 -12.52 4.51 10.78
N ARG A 57 -12.48 3.21 11.10
CA ARG A 57 -11.41 2.62 11.89
C ARG A 57 -11.22 1.15 11.48
N VAL A 58 -10.06 0.59 11.81
CA VAL A 58 -9.85 -0.84 11.64
C VAL A 58 -9.68 -1.41 13.04
N MET A 59 -10.45 -2.44 13.35
CA MET A 59 -10.37 -3.08 14.64
C MET A 59 -9.95 -4.56 14.55
N LEU A 60 -9.13 -5.00 15.50
CA LEU A 60 -8.93 -6.44 15.69
C LEU A 60 -10.25 -7.05 16.16
N VAL A 61 -10.65 -8.13 15.49
CA VAL A 61 -11.88 -8.83 15.84
C VAL A 61 -11.61 -10.35 15.95
N LYS A 62 -12.50 -11.08 16.63
CA LYS A 62 -12.39 -12.53 16.65
C LYS A 62 -13.66 -13.13 16.05
N HIS A 63 -13.51 -14.01 15.07
CA HIS A 63 -14.65 -14.65 14.41
C HIS A 63 -15.15 -15.73 15.35
N LYS A 64 -16.41 -15.63 15.78
CA LYS A 64 -16.93 -16.45 16.88
C LYS A 64 -16.94 -17.95 16.53
N GLU A 65 -17.35 -18.24 15.31
CA GLU A 65 -17.56 -19.59 14.85
C GLU A 65 -16.25 -20.38 14.62
N THR A 66 -15.17 -19.68 14.25
CA THR A 66 -13.83 -20.30 14.08
C THR A 66 -12.76 -19.93 15.12
N GLY A 67 -12.97 -18.85 15.88
CA GLY A 67 -11.92 -18.29 16.76
C GLY A 67 -10.73 -17.64 16.04
N ASN A 68 -10.82 -17.49 14.72
CA ASN A 68 -9.75 -16.80 13.99
C ASN A 68 -9.79 -15.30 14.28
N HIS A 69 -8.62 -14.66 14.34
CA HIS A 69 -8.57 -13.18 14.42
C HIS A 69 -8.49 -12.55 13.06
N TYR A 70 -9.12 -11.38 12.91
CA TYR A 70 -9.12 -10.63 11.66
C TYR A 70 -9.00 -9.14 11.96
N ALA A 71 -8.67 -8.36 10.92
CA ALA A 71 -8.70 -6.91 10.99
C ALA A 71 -9.91 -6.43 10.23
N MET A 72 -10.86 -5.84 10.95
CA MET A 72 -12.12 -5.44 10.34
C MET A 72 -12.15 -3.93 10.16
N LYS A 73 -12.20 -3.48 8.89
CA LYS A 73 -12.33 -2.05 8.56
C LYS A 73 -13.80 -1.65 8.57
N ILE A 74 -14.12 -0.62 9.34
CA ILE A 74 -15.51 -0.18 9.52
C ILE A 74 -15.58 1.22 8.95
N LEU A 75 -16.36 1.38 7.88
CA LEU A 75 -16.49 2.67 7.19
C LEU A 75 -17.87 3.24 7.41
N ASP A 76 -17.93 4.46 7.93
CA ASP A 76 -19.22 5.15 8.14
C ASP A 76 -19.69 5.71 6.80
N LYS A 77 -20.78 5.14 6.28
CA LYS A 77 -21.32 5.52 4.97
C LYS A 77 -21.53 7.04 4.86
N GLN A 78 -22.10 7.67 5.88
CA GLN A 78 -22.33 9.14 5.82
C GLN A 78 -21.02 9.95 5.71
N LYS A 79 -19.97 9.50 6.40
CA LYS A 79 -18.68 10.14 6.29
C LYS A 79 -18.03 9.92 4.92
N VAL A 80 -18.18 8.71 4.37
CA VAL A 80 -17.71 8.44 3.01
C VAL A 80 -18.36 9.39 2.01
N VAL A 81 -19.68 9.56 2.15
CA VAL A 81 -20.42 10.42 1.24
C VAL A 81 -19.93 11.85 1.36
N LYS A 82 -19.85 12.37 2.59
CA LYS A 82 -19.40 13.75 2.81
C LYS A 82 -18.01 14.04 2.26
N LEU A 83 -17.11 13.05 2.33
CA LEU A 83 -15.78 13.22 1.76
C LEU A 83 -15.67 12.84 0.29
N LYS A 84 -16.81 12.56 -0.34
CA LYS A 84 -16.89 12.21 -1.77
C LYS A 84 -16.00 11.02 -2.12
N GLN A 85 -16.04 9.98 -1.28
CA GLN A 85 -15.21 8.81 -1.49
C GLN A 85 -16.06 7.58 -1.83
N ILE A 86 -17.27 7.81 -2.35
CA ILE A 86 -18.17 6.68 -2.63
C ILE A 86 -17.53 5.74 -3.66
N GLU A 87 -17.19 6.27 -4.83
CA GLU A 87 -16.65 5.43 -5.90
C GLU A 87 -15.33 4.77 -5.48
N HIS A 88 -14.52 5.50 -4.72
CA HIS A 88 -13.22 4.99 -4.25
C HIS A 88 -13.43 3.82 -3.30
N THR A 89 -14.45 3.91 -2.47
CA THR A 89 -14.79 2.84 -1.54
C THR A 89 -15.34 1.60 -2.29
N LEU A 90 -16.14 1.83 -3.34
CA LEU A 90 -16.62 0.75 -4.20
C LEU A 90 -15.42 0.09 -4.91
N ASN A 91 -14.52 0.90 -5.49
CA ASN A 91 -13.25 0.42 -6.05
C ASN A 91 -12.50 -0.49 -5.06
N GLU A 92 -12.33 0.01 -3.85
CA GLU A 92 -11.49 -0.65 -2.85
C GLU A 92 -11.98 -2.08 -2.61
N LYS A 93 -13.27 -2.22 -2.34
CA LYS A 93 -13.83 -3.52 -2.06
C LYS A 93 -13.87 -4.43 -3.29
N ARG A 94 -14.22 -3.87 -4.44
CA ARG A 94 -14.37 -4.71 -5.64
C ARG A 94 -13.01 -5.27 -6.08
N ILE A 95 -11.97 -4.44 -5.92
CA ILE A 95 -10.63 -4.84 -6.31
C ILE A 95 -10.04 -5.81 -5.29
N LEU A 96 -10.13 -5.47 -4.01
CA LEU A 96 -9.53 -6.30 -2.98
C LEU A 96 -10.12 -7.72 -2.92
N GLN A 97 -11.42 -7.84 -3.12
CA GLN A 97 -12.08 -9.16 -3.18
C GLN A 97 -11.60 -10.01 -4.39
N ALA A 98 -11.10 -9.34 -5.42
CA ALA A 98 -10.75 -10.04 -6.65
C ALA A 98 -9.27 -10.40 -6.77
N VAL A 99 -8.41 -9.77 -6.00
CA VAL A 99 -6.96 -10.01 -6.15
C VAL A 99 -6.45 -11.16 -5.26
N ASN A 100 -5.27 -11.68 -5.60
CA ASN A 100 -4.64 -12.81 -4.91
C ASN A 100 -3.13 -12.80 -5.20
N PHE A 101 -2.32 -12.47 -4.19
CA PHE A 101 -0.85 -12.36 -4.33
C PHE A 101 -0.27 -12.48 -2.92
N PRO A 102 0.92 -13.12 -2.79
CA PRO A 102 1.45 -13.41 -1.46
C PRO A 102 1.69 -12.16 -0.60
N PHE A 103 1.81 -10.98 -1.23
CA PHE A 103 2.10 -9.74 -0.47
C PHE A 103 0.89 -8.78 -0.39
N LEU A 104 -0.29 -9.28 -0.72
CA LEU A 104 -1.52 -8.51 -0.64
C LEU A 104 -2.38 -9.09 0.45
N VAL A 105 -2.78 -8.25 1.42
CA VAL A 105 -3.68 -8.71 2.49
C VAL A 105 -4.97 -9.29 1.89
N LYS A 106 -5.45 -10.40 2.44
CA LYS A 106 -6.66 -11.01 1.90
C LYS A 106 -7.91 -10.42 2.51
N LEU A 107 -8.90 -10.17 1.67
CA LEU A 107 -10.23 -9.81 2.17
C LEU A 107 -10.97 -11.14 2.38
N GLU A 108 -11.36 -11.46 3.60
CA GLU A 108 -12.04 -12.74 3.87
C GLU A 108 -13.56 -12.60 3.77
N PHE A 109 -14.10 -11.48 4.23
CA PHE A 109 -15.56 -11.25 4.23
C PHE A 109 -15.86 -9.80 3.98
N SER A 110 -17.04 -9.52 3.46
CA SER A 110 -17.51 -8.13 3.47
C SER A 110 -19.00 -8.10 3.62
N PHE A 111 -19.51 -6.99 4.14
CA PHE A 111 -20.94 -6.84 4.37
C PHE A 111 -21.19 -5.41 4.76
N LYS A 112 -22.48 -5.05 4.91
CA LYS A 112 -22.84 -3.70 5.31
C LYS A 112 -24.13 -3.75 6.14
N ASP A 113 -24.38 -2.70 6.91
CA ASP A 113 -25.60 -2.60 7.68
C ASP A 113 -26.20 -1.23 7.43
N ASN A 114 -27.11 -0.77 8.28
CA ASN A 114 -27.73 0.54 8.07
C ASN A 114 -26.74 1.68 8.05
N SER A 115 -25.68 1.56 8.86
CA SER A 115 -24.76 2.67 9.08
C SER A 115 -23.43 2.57 8.36
N ASN A 116 -22.89 1.35 8.31
CA ASN A 116 -21.49 1.16 7.97
C ASN A 116 -21.26 0.16 6.87
N LEU A 117 -20.08 0.24 6.27
CA LEU A 117 -19.55 -0.83 5.40
C LEU A 117 -18.49 -1.56 6.20
N TYR A 118 -18.32 -2.86 5.93
CA TYR A 118 -17.35 -3.65 6.67
C TYR A 118 -16.51 -4.47 5.73
N MET A 119 -15.20 -4.42 5.93
CA MET A 119 -14.27 -5.28 5.19
C MET A 119 -13.43 -6.03 6.20
N VAL A 120 -13.57 -7.36 6.22
CA VAL A 120 -12.86 -8.20 7.20
C VAL A 120 -11.70 -8.84 6.48
N MET A 121 -10.48 -8.46 6.89
CA MET A 121 -9.24 -8.88 6.21
C MET A 121 -8.39 -9.71 7.16
N GLU A 122 -7.38 -10.41 6.65
CA GLU A 122 -6.49 -11.15 7.55
C GLU A 122 -5.77 -10.19 8.49
N TYR A 123 -5.60 -10.62 9.75
CA TYR A 123 -4.90 -9.82 10.76
C TYR A 123 -3.41 -10.08 10.58
N VAL A 124 -2.63 -9.00 10.53
CA VAL A 124 -1.21 -9.10 10.31
C VAL A 124 -0.53 -8.55 11.58
N PRO A 125 -0.07 -9.45 12.49
CA PRO A 125 0.25 -9.05 13.87
C PRO A 125 1.56 -8.32 14.08
N GLY A 126 2.44 -8.27 13.09
CA GLY A 126 3.77 -7.64 13.26
C GLY A 126 3.83 -6.12 13.29
N GLY A 127 2.71 -5.48 12.97
CA GLY A 127 2.58 -4.01 13.02
C GLY A 127 3.02 -3.36 11.70
N GLU A 128 2.85 -2.04 11.62
CA GLU A 128 3.19 -1.33 10.40
C GLU A 128 4.68 -1.15 10.23
N MET A 129 5.17 -1.29 9.00
CA MET A 129 6.55 -0.88 8.69
C MET A 129 6.85 0.49 9.30
N PHE A 130 5.88 1.41 9.20
CA PHE A 130 6.06 2.78 9.72
C PHE A 130 6.58 2.79 11.16
N SER A 131 5.98 1.95 12.01
CA SER A 131 6.33 1.88 13.41
C SER A 131 7.76 1.43 13.60
N HIS A 132 8.14 0.37 12.89
CA HIS A 132 9.49 -0.18 13.01
C HIS A 132 10.55 0.75 12.45
N LEU A 133 10.22 1.35 11.31
CA LEU A 133 11.11 2.29 10.65
C LEU A 133 11.41 3.52 11.52
N ARG A 134 10.37 4.15 12.04
CA ARG A 134 10.55 5.32 12.90
C ARG A 134 11.38 4.98 14.14
N ARG A 135 11.07 3.85 14.76
CA ARG A 135 11.78 3.45 15.98
C ARG A 135 13.25 3.14 15.70
N ILE A 136 13.52 2.33 14.68
CA ILE A 136 14.91 1.95 14.39
C ILE A 136 15.72 3.09 13.79
N GLY A 137 15.05 4.01 13.10
CA GLY A 137 15.69 5.13 12.44
C GLY A 137 15.69 4.95 10.93
N ARG A 138 16.49 3.99 10.45
CA ARG A 138 16.51 3.61 9.05
C ARG A 138 16.84 2.14 8.89
N PHE A 139 16.57 1.58 7.73
CA PHE A 139 16.90 0.19 7.48
C PHE A 139 18.21 0.18 6.73
N SER A 140 18.96 -0.91 6.87
CA SER A 140 20.14 -1.13 6.04
C SER A 140 19.70 -1.29 4.60
N GLU A 141 20.62 -1.10 3.65
CA GLU A 141 20.25 -1.34 2.25
C GLU A 141 19.75 -2.77 1.96
N PRO A 142 20.38 -3.82 2.55
CA PRO A 142 19.84 -5.16 2.30
C PRO A 142 18.45 -5.39 2.89
N HIS A 143 18.18 -4.78 4.04
CA HIS A 143 16.86 -4.80 4.65
C HIS A 143 15.84 -4.10 3.74
N ALA A 144 16.18 -2.89 3.29
CA ALA A 144 15.27 -2.10 2.46
C ALA A 144 15.01 -2.77 1.11
N ARG A 145 16.05 -3.41 0.58
CA ARG A 145 16.01 -4.16 -0.68
C ARG A 145 15.04 -5.34 -0.61
N PHE A 146 15.09 -6.07 0.50
CA PHE A 146 14.17 -7.17 0.74
C PHE A 146 12.70 -6.71 0.67
N TYR A 147 12.37 -5.63 1.36
CA TYR A 147 11.01 -5.04 1.30
C TYR A 147 10.69 -4.51 -0.08
N ALA A 148 11.63 -3.77 -0.67
CA ALA A 148 11.41 -3.18 -1.99
C ALA A 148 11.12 -4.22 -3.07
N ALA A 149 11.80 -5.38 -3.00
CA ALA A 149 11.59 -6.44 -3.96
C ALA A 149 10.13 -6.93 -3.94
N GLN A 150 9.57 -7.02 -2.74
CA GLN A 150 8.19 -7.40 -2.60
C GLN A 150 7.23 -6.39 -3.24
N ILE A 151 7.49 -5.10 -3.05
CA ILE A 151 6.67 -4.07 -3.67
C ILE A 151 6.80 -4.15 -5.20
N VAL A 152 8.02 -4.39 -5.69
CA VAL A 152 8.24 -4.49 -7.15
C VAL A 152 7.35 -5.59 -7.75
N LEU A 153 7.36 -6.78 -7.14
CA LEU A 153 6.57 -7.91 -7.64
C LEU A 153 5.06 -7.63 -7.49
N THR A 154 4.69 -7.06 -6.35
CA THR A 154 3.30 -6.65 -6.13
C THR A 154 2.80 -5.64 -7.18
N PHE A 155 3.61 -4.64 -7.47
CA PHE A 155 3.21 -3.68 -8.53
C PHE A 155 3.19 -4.34 -9.91
N GLU A 156 4.13 -5.26 -10.16
CA GLU A 156 4.10 -6.01 -11.44
C GLU A 156 2.77 -6.77 -11.56
N TYR A 157 2.36 -7.46 -10.50
CA TYR A 157 1.05 -8.10 -10.44
C TYR A 157 -0.12 -7.13 -10.65
N LEU A 158 -0.23 -6.13 -9.77
CA LEU A 158 -1.36 -5.19 -9.84
C LEU A 158 -1.47 -4.54 -11.20
N HIS A 159 -0.35 -4.02 -11.71
CA HIS A 159 -0.34 -3.31 -12.99
C HIS A 159 -0.75 -4.16 -14.16
N SER A 160 -0.39 -5.44 -14.12
CA SER A 160 -0.78 -6.36 -15.21
C SER A 160 -2.29 -6.54 -15.26
N LEU A 161 -2.97 -6.25 -14.14
CA LEU A 161 -4.43 -6.31 -14.06
C LEU A 161 -5.11 -4.96 -14.40
N ASP A 162 -4.31 -4.04 -14.93
CA ASP A 162 -4.72 -2.66 -15.20
C ASP A 162 -5.10 -1.91 -13.92
N LEU A 163 -4.49 -2.25 -12.80
CA LEU A 163 -4.76 -1.59 -11.53
C LEU A 163 -3.66 -0.59 -11.22
N ILE A 164 -4.03 0.54 -10.63
CA ILE A 164 -3.05 1.49 -10.09
C ILE A 164 -3.35 1.49 -8.60
N TYR A 165 -2.33 1.54 -7.76
CA TYR A 165 -2.51 1.37 -6.32
C TYR A 165 -2.66 2.72 -5.61
N ARG A 166 -1.71 3.63 -5.87
CA ARG A 166 -1.82 5.06 -5.51
C ARG A 166 -1.74 5.42 -4.04
N ASP A 167 -1.39 4.48 -3.17
CA ASP A 167 -1.15 4.92 -1.79
C ASP A 167 0.00 4.19 -1.10
N LEU A 168 1.10 3.97 -1.81
CA LEU A 168 2.27 3.37 -1.19
C LEU A 168 2.88 4.27 -0.12
N LYS A 169 3.12 3.70 1.07
CA LYS A 169 3.82 4.38 2.19
C LYS A 169 4.03 3.38 3.33
N PRO A 170 5.02 3.63 4.23
CA PRO A 170 5.20 2.65 5.30
C PRO A 170 3.98 2.38 6.21
N GLU A 171 3.09 3.36 6.32
CA GLU A 171 1.89 3.24 7.15
C GLU A 171 0.93 2.17 6.60
N ASN A 172 1.02 1.90 5.30
CA ASN A 172 0.11 0.91 4.63
C ASN A 172 0.76 -0.43 4.33
N LEU A 173 1.93 -0.67 4.91
CA LEU A 173 2.63 -1.93 4.74
C LEU A 173 2.79 -2.62 6.10
N LEU A 174 2.21 -3.81 6.25
CA LEU A 174 2.28 -4.53 7.52
C LEU A 174 3.33 -5.63 7.44
N ILE A 175 3.92 -5.99 8.57
CA ILE A 175 4.94 -7.04 8.59
C ILE A 175 4.31 -8.29 9.21
N ASP A 176 4.34 -9.39 8.47
CA ASP A 176 3.68 -10.61 8.96
C ASP A 176 4.61 -11.39 9.87
N GLN A 177 4.12 -12.52 10.36
CA GLN A 177 4.93 -13.37 11.25
C GLN A 177 6.17 -14.00 10.63
N GLN A 178 6.25 -14.03 9.30
CA GLN A 178 7.50 -14.43 8.63
C GLN A 178 8.42 -13.26 8.29
N GLY A 179 8.02 -12.04 8.67
CA GLY A 179 8.77 -10.83 8.35
C GLY A 179 8.59 -10.35 6.91
N TYR A 180 7.60 -10.91 6.21
CA TYR A 180 7.29 -10.47 4.85
C TYR A 180 6.25 -9.35 4.87
N ILE A 181 6.16 -8.59 3.78
CA ILE A 181 5.24 -7.45 3.66
C ILE A 181 3.83 -7.93 3.31
N GLN A 182 2.83 -7.28 3.90
CA GLN A 182 1.44 -7.36 3.45
C GLN A 182 0.95 -5.94 3.13
N VAL A 183 0.61 -5.69 1.87
CA VAL A 183 0.09 -4.37 1.45
C VAL A 183 -1.37 -4.23 1.82
N THR A 184 -1.72 -3.16 2.52
CA THR A 184 -3.12 -2.93 2.89
C THR A 184 -3.61 -1.63 2.21
N ASP A 185 -4.82 -1.19 2.49
CA ASP A 185 -5.27 0.15 2.06
C ASP A 185 -5.40 0.30 0.56
N PHE A 186 -6.46 -0.30 0.03
CA PHE A 186 -6.80 -0.18 -1.36
C PHE A 186 -7.80 0.94 -1.62
N GLY A 187 -7.87 1.92 -0.71
CA GLY A 187 -8.83 2.99 -0.81
C GLY A 187 -8.73 3.84 -2.07
N PHE A 188 -7.53 3.99 -2.62
CA PHE A 188 -7.32 4.72 -3.88
C PHE A 188 -7.01 3.83 -5.08
N ALA A 189 -7.11 2.52 -4.93
CA ALA A 189 -6.78 1.62 -6.04
C ALA A 189 -7.87 1.73 -7.11
N LYS A 190 -7.47 1.67 -8.37
CA LYS A 190 -8.45 1.87 -9.45
C LYS A 190 -8.06 1.04 -10.64
N ARG A 191 -9.03 0.43 -11.31
CA ARG A 191 -8.80 -0.29 -12.57
C ARG A 191 -9.04 0.69 -13.71
N VAL A 192 -7.99 1.02 -14.45
CA VAL A 192 -8.08 2.06 -15.49
C VAL A 192 -7.15 1.62 -16.58
N LYS A 193 -7.64 1.53 -17.81
CA LYS A 193 -6.75 1.44 -18.94
C LYS A 193 -6.45 2.89 -19.40
N GLY A 194 -5.21 3.22 -19.65
CA GLY A 194 -4.91 4.64 -19.95
C GLY A 194 -4.92 5.58 -18.74
N ARG A 195 -5.52 6.76 -18.89
CA ARG A 195 -5.22 7.94 -18.07
C ARG A 195 -6.22 8.20 -16.94
N THR A 196 -5.76 8.66 -15.77
CA THR A 196 -6.71 9.14 -14.75
C THR A 196 -6.28 10.46 -14.12
N TRP A 197 -7.17 11.13 -13.38
CA TRP A 197 -6.89 12.53 -12.95
C TRP A 197 -7.08 12.86 -11.49
N TPO A 198 -7.57 11.93 -10.67
CA TPO A 198 -7.93 12.30 -9.28
CB TPO A 198 -8.65 11.18 -8.52
CG2 TPO A 198 -9.18 11.63 -7.14
OG1 TPO A 198 -9.76 10.75 -9.29
P TPO A 198 -9.76 9.25 -9.89
O1P TPO A 198 -10.93 9.22 -10.81
O2P TPO A 198 -8.44 9.15 -10.63
O3P TPO A 198 -9.85 8.36 -8.67
C TPO A 198 -6.71 12.68 -8.49
O TPO A 198 -5.71 11.98 -8.48
N LEU A 199 -6.79 13.81 -7.80
CA LEU A 199 -5.71 14.23 -6.93
C LEU A 199 -5.92 13.50 -5.61
N CYS A 200 -5.22 12.38 -5.44
CA CYS A 200 -5.30 11.58 -4.20
C CYS A 200 -3.94 10.98 -3.94
N GLY A 201 -3.76 10.54 -2.71
CA GLY A 201 -2.56 9.88 -2.25
C GLY A 201 -2.14 10.52 -0.93
N THR A 202 -0.84 10.55 -0.68
CA THR A 202 -0.24 11.16 0.51
C THR A 202 0.86 12.11 0.02
N PRO A 203 0.89 13.36 0.52
CA PRO A 203 1.75 14.41 -0.05
C PRO A 203 3.21 13.98 -0.35
N GLU A 204 3.88 13.34 0.62
CA GLU A 204 5.28 12.97 0.45
C GLU A 204 5.51 11.99 -0.71
N TYR A 205 4.48 11.22 -1.06
CA TYR A 205 4.56 10.16 -2.05
C TYR A 205 4.03 10.53 -3.44
N LEU A 206 3.44 11.70 -3.57
CA LEU A 206 2.81 12.10 -4.85
C LEU A 206 3.85 12.35 -5.95
N ALA A 207 3.67 11.71 -7.10
CA ALA A 207 4.41 12.07 -8.30
C ALA A 207 4.09 13.49 -8.80
N PRO A 208 5.06 14.16 -9.49
CA PRO A 208 4.87 15.55 -9.92
C PRO A 208 3.68 15.71 -10.86
N GLU A 209 3.45 14.72 -11.72
CA GLU A 209 2.31 14.75 -12.65
C GLU A 209 0.97 14.75 -11.95
N ILE A 210 0.91 14.20 -10.74
CA ILE A 210 -0.34 14.25 -9.94
C ILE A 210 -0.53 15.66 -9.39
N ILE A 211 0.51 16.23 -8.78
CA ILE A 211 0.36 17.56 -8.22
C ILE A 211 0.17 18.64 -9.29
N LEU A 212 0.71 18.43 -10.49
CA LEU A 212 0.53 19.40 -11.59
C LEU A 212 -0.76 19.21 -12.43
N SER A 213 -1.67 18.36 -11.95
CA SER A 213 -2.98 18.09 -12.59
C SER A 213 -2.85 17.68 -14.05
N LYS A 214 -1.89 16.81 -14.33
CA LYS A 214 -1.58 16.44 -15.69
C LYS A 214 -2.42 15.30 -16.25
N GLY A 215 -2.99 14.48 -15.39
CA GLY A 215 -3.49 13.17 -15.86
C GLY A 215 -2.31 12.21 -15.86
N TYR A 216 -2.52 10.99 -15.36
CA TYR A 216 -1.39 10.12 -15.04
C TYR A 216 -1.78 8.66 -15.11
N ASN A 217 -0.78 7.79 -15.04
CA ASN A 217 -1.02 6.36 -15.07
C ASN A 217 -0.18 5.63 -14.02
N LYS A 218 0.04 4.34 -14.25
CA LYS A 218 0.74 3.48 -13.29
C LYS A 218 2.17 3.95 -12.98
N ALA A 219 2.72 4.87 -13.77
CA ALA A 219 4.07 5.37 -13.49
C ALA A 219 4.12 6.10 -12.15
N VAL A 220 2.96 6.55 -11.64
CA VAL A 220 2.96 7.19 -10.32
C VAL A 220 3.32 6.21 -9.19
N ASP A 221 2.97 4.92 -9.37
CA ASP A 221 3.31 3.89 -8.39
C ASP A 221 4.83 3.65 -8.36
N TRP A 222 5.48 3.71 -9.53
CA TRP A 222 6.94 3.57 -9.59
C TRP A 222 7.68 4.71 -8.93
N TRP A 223 7.19 5.93 -9.14
CA TRP A 223 7.71 7.09 -8.43
C TRP A 223 7.54 6.89 -6.93
N ALA A 224 6.37 6.42 -6.50
CA ALA A 224 6.11 6.19 -5.06
C ALA A 224 7.07 5.16 -4.50
N LEU A 225 7.42 4.17 -5.33
CA LEU A 225 8.40 3.20 -4.94
C LEU A 225 9.75 3.89 -4.67
N GLY A 226 10.12 4.87 -5.49
CA GLY A 226 11.37 5.60 -5.29
C GLY A 226 11.35 6.30 -3.93
N VAL A 227 10.21 6.92 -3.61
CA VAL A 227 10.04 7.61 -2.33
C VAL A 227 10.17 6.63 -1.15
N LEU A 228 9.57 5.46 -1.29
CA LEU A 228 9.57 4.44 -0.23
C LEU A 228 10.96 3.90 0.02
N ILE A 229 11.65 3.54 -1.05
CA ILE A 229 13.01 3.05 -0.91
C ILE A 229 13.88 4.11 -0.25
N TYR A 230 13.78 5.36 -0.71
CA TYR A 230 14.55 6.44 -0.12
C TYR A 230 14.24 6.52 1.38
N GLU A 231 12.95 6.55 1.74
CA GLU A 231 12.59 6.72 3.14
C GLU A 231 13.08 5.55 4.00
N MET A 232 12.94 4.32 3.50
CA MET A 232 13.43 3.15 4.24
C MET A 232 14.95 3.20 4.48
N ALA A 233 15.72 3.57 3.46
CA ALA A 233 17.18 3.57 3.58
C ALA A 233 17.70 4.83 4.31
N ALA A 234 16.99 5.95 4.21
CA ALA A 234 17.46 7.22 4.82
C ALA A 234 16.91 7.45 6.21
N GLY A 235 15.70 6.96 6.48
CA GLY A 235 15.02 7.26 7.74
C GLY A 235 14.11 8.48 7.65
N TYR A 236 14.17 9.20 6.52
CA TYR A 236 13.30 10.34 6.23
C TYR A 236 12.99 10.35 4.73
N PRO A 237 11.87 11.00 4.33
CA PRO A 237 11.54 11.01 2.90
C PRO A 237 12.41 11.98 2.11
N PRO A 238 12.47 11.79 0.78
CA PRO A 238 13.30 12.64 -0.06
C PRO A 238 12.75 14.06 -0.17
N PHE A 239 11.44 14.24 0.09
CA PHE A 239 10.79 15.55 0.08
C PHE A 239 9.95 15.70 1.35
N PHE A 240 10.44 16.47 2.31
CA PHE A 240 9.65 16.74 3.52
C PHE A 240 9.65 18.21 3.89
N ALA A 241 8.64 18.65 4.63
CA ALA A 241 8.57 20.02 5.13
C ALA A 241 7.45 20.02 6.16
N ASP A 242 7.15 21.17 6.72
CA ASP A 242 6.12 21.23 7.75
C ASP A 242 4.71 21.26 7.17
N GLN A 243 4.57 21.80 5.96
CA GLN A 243 3.26 21.90 5.29
C GLN A 243 3.26 21.25 3.90
N PRO A 244 2.12 20.64 3.49
CA PRO A 244 2.01 19.99 2.18
C PRO A 244 2.43 20.83 0.96
N ILE A 245 2.00 22.10 0.89
CA ILE A 245 2.41 23.00 -0.21
C ILE A 245 3.91 23.04 -0.40
N GLN A 246 4.65 23.14 0.71
CA GLN A 246 6.11 23.12 0.68
C GLN A 246 6.67 21.81 0.14
N ILE A 247 6.07 20.69 0.54
CA ILE A 247 6.45 19.39 -0.02
C ILE A 247 6.29 19.37 -1.55
N TYR A 248 5.17 19.90 -2.05
CA TYR A 248 4.88 19.90 -3.49
C TYR A 248 5.91 20.71 -4.29
N GLU A 249 6.35 21.84 -3.73
CA GLU A 249 7.37 22.67 -4.36
C GLU A 249 8.66 21.87 -4.51
N LYS A 250 9.03 21.12 -3.47
CA LYS A 250 10.20 20.26 -3.53
C LYS A 250 10.04 19.17 -4.59
N ILE A 251 8.88 18.52 -4.59
CA ILE A 251 8.63 17.44 -5.57
C ILE A 251 8.75 17.93 -7.02
N VAL A 252 8.16 19.08 -7.31
CA VAL A 252 8.14 19.58 -8.70
C VAL A 252 9.46 20.22 -9.14
N SER A 253 10.30 20.59 -8.19
CA SER A 253 11.54 21.32 -8.49
C SER A 253 12.55 20.50 -9.33
N GLY A 254 12.46 19.17 -9.25
CA GLY A 254 13.35 18.30 -10.03
C GLY A 254 14.68 18.00 -9.36
N LYS A 255 14.80 18.38 -8.07
CA LYS A 255 16.03 18.21 -7.29
C LYS A 255 15.82 17.25 -6.14
N VAL A 256 16.75 16.31 -5.97
CA VAL A 256 16.75 15.35 -4.86
C VAL A 256 18.19 15.23 -4.33
N ARG A 257 18.36 15.21 -3.00
CA ARG A 257 19.68 14.96 -2.38
C ARG A 257 19.73 13.63 -1.61
N PHE A 258 20.83 12.90 -1.72
CA PHE A 258 20.91 11.58 -1.09
C PHE A 258 21.85 11.63 0.09
N PRO A 259 21.52 10.93 1.19
CA PRO A 259 22.45 10.86 2.33
C PRO A 259 23.80 10.35 1.87
N SER A 260 24.86 10.78 2.54
CA SER A 260 26.21 10.36 2.14
C SER A 260 26.42 8.85 2.23
N HIS A 261 25.63 8.16 3.05
CA HIS A 261 25.76 6.71 3.18
C HIS A 261 25.08 5.89 2.10
N PHE A 262 24.33 6.51 1.20
CA PHE A 262 23.64 5.75 0.14
C PHE A 262 24.67 5.15 -0.81
N SER A 263 24.55 3.88 -1.14
CA SER A 263 25.45 3.30 -2.13
C SER A 263 25.24 4.00 -3.47
N SER A 264 26.26 3.96 -4.33
CA SER A 264 26.10 4.58 -5.65
C SER A 264 25.07 3.83 -6.52
N ASP A 265 24.95 2.52 -6.36
CA ASP A 265 23.87 1.71 -7.02
C ASP A 265 22.49 2.20 -6.52
N LEU A 266 22.34 2.37 -5.22
CA LEU A 266 21.07 2.86 -4.66
C LEU A 266 20.72 4.24 -5.22
N LYS A 267 21.67 5.18 -5.17
CA LYS A 267 21.47 6.49 -5.77
C LYS A 267 21.03 6.42 -7.24
N ASP A 268 21.64 5.53 -8.00
CA ASP A 268 21.34 5.45 -9.42
C ASP A 268 19.93 4.95 -9.62
N LEU A 269 19.53 3.91 -8.87
CA LEU A 269 18.15 3.41 -8.96
C LEU A 269 17.14 4.52 -8.66
N LEU A 270 17.40 5.28 -7.59
CA LEU A 270 16.48 6.33 -7.16
C LEU A 270 16.41 7.49 -8.13
N ARG A 271 17.53 7.89 -8.73
CA ARG A 271 17.49 8.85 -9.85
C ARG A 271 16.57 8.37 -10.98
N ASN A 272 16.55 7.08 -11.25
CA ASN A 272 15.69 6.59 -12.33
C ASN A 272 14.21 6.39 -11.92
N LEU A 273 13.95 6.28 -10.62
CA LEU A 273 12.55 6.15 -10.14
C LEU A 273 11.97 7.51 -9.84
N LEU A 274 12.75 8.38 -9.21
CA LEU A 274 12.32 9.72 -8.88
C LEU A 274 12.67 10.63 -10.06
N GLN A 275 12.22 10.20 -11.23
CA GLN A 275 12.50 10.89 -12.47
C GLN A 275 11.24 11.62 -12.86
N VAL A 276 11.32 12.96 -12.89
CA VAL A 276 10.19 13.79 -13.29
C VAL A 276 9.75 13.48 -14.73
N ASP A 277 10.71 13.28 -15.63
CA ASP A 277 10.46 12.99 -17.05
C ASP A 277 9.97 11.54 -17.30
N LEU A 278 8.71 11.40 -17.68
CA LEU A 278 8.05 10.09 -17.85
C LEU A 278 8.67 9.23 -18.94
N THR A 279 9.32 9.86 -19.93
CA THR A 279 9.98 9.10 -21.00
C THR A 279 11.25 8.46 -20.46
N LYS A 280 11.66 8.90 -19.28
CA LYS A 280 12.86 8.37 -18.65
C LYS A 280 12.60 7.55 -17.38
N ARG A 281 11.40 7.65 -16.78
CA ARG A 281 11.18 6.98 -15.47
C ARG A 281 11.16 5.45 -15.57
N PHE A 282 12.03 4.82 -14.79
CA PHE A 282 12.02 3.37 -14.67
C PHE A 282 10.66 2.84 -14.28
N GLY A 283 10.30 1.72 -14.91
CA GLY A 283 8.98 1.14 -14.74
C GLY A 283 8.06 1.59 -15.85
N ASN A 284 8.34 2.76 -16.42
CA ASN A 284 7.52 3.37 -17.49
C ASN A 284 8.11 3.29 -18.91
N LEU A 285 9.09 2.41 -19.13
CA LEU A 285 9.80 2.38 -20.41
C LEU A 285 9.48 1.10 -21.16
N LYS A 286 10.06 0.96 -22.35
CA LYS A 286 9.86 -0.22 -23.19
C LYS A 286 10.08 -1.53 -22.41
N ASN A 287 11.09 -1.55 -21.55
CA ASN A 287 11.41 -2.75 -20.76
C ASN A 287 10.49 -2.96 -19.54
N GLY A 288 9.63 -1.99 -19.26
CA GLY A 288 8.70 -2.08 -18.15
C GLY A 288 9.41 -2.36 -16.83
N VAL A 289 8.86 -3.29 -16.05
CA VAL A 289 9.40 -3.58 -14.73
C VAL A 289 10.83 -4.17 -14.78
N ASN A 290 11.22 -4.74 -15.91
CA ASN A 290 12.56 -5.32 -16.03
C ASN A 290 13.72 -4.35 -15.88
N ASP A 291 13.51 -3.08 -16.26
CA ASP A 291 14.52 -2.06 -15.98
C ASP A 291 14.79 -2.00 -14.48
N ILE A 292 13.75 -2.23 -13.67
CA ILE A 292 13.91 -2.25 -12.21
C ILE A 292 14.55 -3.55 -11.74
N LYS A 293 13.96 -4.69 -12.12
CA LYS A 293 14.41 -5.99 -11.61
C LYS A 293 15.88 -6.28 -11.92
N ASN A 294 16.36 -5.79 -13.06
CA ASN A 294 17.74 -6.01 -13.51
C ASN A 294 18.71 -4.88 -13.17
N HIS A 295 18.26 -3.88 -12.42
CA HIS A 295 19.18 -2.83 -11.95
C HIS A 295 20.21 -3.42 -11.00
N LYS A 296 21.44 -2.91 -11.06
CA LYS A 296 22.56 -3.32 -10.19
C LYS A 296 22.18 -3.47 -8.71
N TRP A 297 21.43 -2.50 -8.18
CA TRP A 297 21.00 -2.55 -6.78
C TRP A 297 20.27 -3.82 -6.45
N PHE A 298 19.58 -4.41 -7.43
CA PHE A 298 18.88 -5.68 -7.19
C PHE A 298 19.64 -6.95 -7.63
N ALA A 299 20.92 -6.83 -7.94
CA ALA A 299 21.72 -7.99 -8.40
C ALA A 299 21.62 -9.20 -7.48
N THR A 300 21.68 -8.97 -6.18
CA THR A 300 21.63 -10.05 -5.20
C THR A 300 20.21 -10.63 -5.02
N THR A 301 19.19 -9.91 -5.47
CA THR A 301 17.80 -10.36 -5.32
C THR A 301 17.42 -11.50 -6.25
N ASP A 302 16.95 -12.59 -5.66
CA ASP A 302 16.41 -13.73 -6.39
C ASP A 302 14.89 -13.61 -6.41
N TRP A 303 14.34 -13.11 -7.52
CA TRP A 303 12.91 -12.72 -7.57
C TRP A 303 11.97 -13.87 -7.31
N ILE A 304 12.29 -15.05 -7.83
CA ILE A 304 11.46 -16.22 -7.60
C ILE A 304 11.46 -16.65 -6.14
N ALA A 305 12.63 -16.54 -5.50
CA ALA A 305 12.77 -16.90 -4.08
C ALA A 305 11.98 -15.94 -3.17
N ILE A 306 11.98 -14.66 -3.54
CA ILE A 306 11.19 -13.66 -2.80
C ILE A 306 9.72 -14.03 -2.92
N TYR A 307 9.26 -14.25 -4.15
CA TYR A 307 7.86 -14.63 -4.41
C TYR A 307 7.48 -15.87 -3.60
N GLN A 308 8.38 -16.85 -3.58
CA GLN A 308 8.14 -18.10 -2.84
C GLN A 308 8.27 -17.96 -1.31
N ARG A 309 8.67 -16.78 -0.84
CA ARG A 309 8.93 -16.56 0.59
C ARG A 309 10.06 -17.46 1.12
N LYS A 310 11.01 -17.79 0.26
CA LYS A 310 12.16 -18.62 0.67
C LYS A 310 13.33 -17.84 1.24
N VAL A 311 13.36 -16.52 1.01
CA VAL A 311 14.47 -15.70 1.51
C VAL A 311 14.27 -15.44 3.00
N GLU A 312 15.36 -15.44 3.76
CA GLU A 312 15.28 -15.18 5.19
C GLU A 312 15.06 -13.69 5.43
N ALA A 313 14.03 -13.36 6.22
CA ALA A 313 13.70 -11.97 6.50
C ALA A 313 14.75 -11.35 7.42
N PRO A 314 15.01 -10.05 7.25
CA PRO A 314 15.96 -9.40 8.15
C PRO A 314 15.43 -9.20 9.57
N PHE A 315 14.12 -9.23 9.79
CA PHE A 315 13.60 -9.40 11.15
C PHE A 315 12.21 -9.97 11.24
N ILE A 316 12.00 -10.71 12.34
CA ILE A 316 10.73 -11.33 12.66
C ILE A 316 10.17 -10.52 13.82
N PRO A 317 8.95 -9.96 13.65
CA PRO A 317 8.24 -9.28 14.73
C PRO A 317 8.06 -10.14 15.97
N LYS A 318 8.07 -9.50 17.12
CA LYS A 318 7.78 -10.16 18.39
C LYS A 318 6.33 -10.59 18.37
N PHE A 319 6.11 -11.86 18.69
CA PHE A 319 4.80 -12.48 18.65
C PHE A 319 4.51 -13.07 20.02
N LYS A 320 3.50 -12.55 20.70
CA LYS A 320 3.11 -13.06 22.01
C LYS A 320 1.73 -13.71 21.97
N GLY A 321 1.61 -14.79 21.20
CA GLY A 321 0.35 -15.52 21.08
C GLY A 321 -0.69 -14.84 20.21
N PRO A 322 -1.80 -15.56 19.93
CA PRO A 322 -2.83 -14.98 19.06
C PRO A 322 -3.52 -13.78 19.73
N GLY A 323 -3.96 -12.83 18.92
CA GLY A 323 -4.69 -11.67 19.42
C GLY A 323 -3.89 -10.59 20.13
N ASP A 324 -2.58 -10.79 20.26
CA ASP A 324 -1.68 -9.80 20.85
C ASP A 324 -1.55 -8.58 19.91
N THR A 325 -1.58 -7.36 20.46
CA THR A 325 -1.48 -6.14 19.67
C THR A 325 -0.32 -5.21 20.05
N SER A 326 0.70 -5.73 20.72
CA SER A 326 1.77 -4.86 21.21
C SER A 326 2.65 -4.31 20.10
N ASN A 327 2.49 -4.79 18.87
CA ASN A 327 3.10 -4.13 17.73
C ASN A 327 2.32 -2.93 17.16
N PHE A 328 1.20 -2.58 17.79
CA PHE A 328 0.37 -1.47 17.31
C PHE A 328 0.23 -0.42 18.39
N ASP A 329 0.12 0.82 17.96
CA ASP A 329 -0.20 1.93 18.84
C ASP A 329 -1.61 1.78 19.41
N ASP A 330 -1.87 2.50 20.51
CA ASP A 330 -3.18 2.54 21.11
C ASP A 330 -3.98 3.71 20.58
N TYR A 331 -5.26 3.47 20.31
CA TYR A 331 -6.14 4.50 19.78
C TYR A 331 -7.36 4.58 20.68
N GLU A 332 -8.02 5.73 20.69
CA GLU A 332 -9.24 5.87 21.45
C GLU A 332 -10.34 5.01 20.83
N GLU A 333 -11.08 4.30 21.68
CA GLU A 333 -12.15 3.40 21.23
C GLU A 333 -13.47 4.13 21.23
N GLU A 334 -14.34 3.74 20.31
CA GLU A 334 -15.65 4.38 20.17
C GLU A 334 -16.66 3.30 19.86
N GLU A 335 -17.79 3.29 20.57
CA GLU A 335 -18.80 2.26 20.35
C GLU A 335 -19.41 2.34 18.95
N ILE A 336 -19.54 1.18 18.31
CA ILE A 336 -20.11 1.09 16.97
C ILE A 336 -21.63 1.24 17.10
N ARG A 337 -22.18 2.28 16.50
CA ARG A 337 -23.63 2.47 16.54
C ARG A 337 -24.23 2.16 15.18
N VAL A 338 -25.27 1.34 15.18
CA VAL A 338 -25.96 1.01 13.95
C VAL A 338 -27.31 1.69 14.01
N SEP A 339 -27.56 2.60 13.08
CA SEP A 339 -28.82 3.34 13.07
CB SEP A 339 -28.74 4.42 12.00
OG SEP A 339 -29.98 5.11 11.88
C SEP A 339 -29.95 2.38 12.83
O SEP A 339 -29.73 1.27 12.30
P SEP A 339 -30.37 6.36 12.86
O1P SEP A 339 -29.11 7.05 13.23
O2P SEP A 339 -31.33 7.13 11.99
O3P SEP A 339 -30.96 5.60 14.00
N ILE A 340 -31.17 2.76 13.21
CA ILE A 340 -32.38 1.98 12.89
C ILE A 340 -32.89 2.31 11.50
N ASN A 341 -32.28 3.29 10.86
CA ASN A 341 -32.62 3.69 9.50
C ASN A 341 -31.47 3.42 8.52
N GLU A 342 -31.77 2.90 7.35
CA GLU A 342 -30.72 2.68 6.33
C GLU A 342 -30.17 4.01 5.80
N LYS A 343 -28.85 4.20 5.88
CA LYS A 343 -28.23 5.39 5.32
C LYS A 343 -27.57 5.07 4.00
N CYS A 344 -27.81 5.94 3.02
CA CYS A 344 -27.06 5.94 1.78
C CYS A 344 -27.18 4.61 1.05
N GLY A 345 -28.37 4.04 1.01
CA GLY A 345 -28.57 2.71 0.44
C GLY A 345 -28.23 2.65 -1.03
N LYS A 346 -28.81 3.58 -1.79
CA LYS A 346 -28.59 3.61 -3.22
C LYS A 346 -27.10 3.71 -3.58
N GLU A 347 -26.38 4.58 -2.89
CA GLU A 347 -24.98 4.86 -3.21
C GLU A 347 -24.07 3.64 -3.08
N PHE A 348 -24.39 2.76 -2.12
CA PHE A 348 -23.57 1.61 -1.82
C PHE A 348 -24.27 0.29 -2.16
N SER A 349 -25.27 0.31 -3.05
CA SER A 349 -26.02 -0.93 -3.34
C SER A 349 -25.11 -2.07 -3.80
N GLU A 350 -24.05 -1.77 -4.57
CA GLU A 350 -23.21 -2.86 -5.06
C GLU A 350 -22.20 -3.44 -4.04
N PHE A 351 -21.99 -2.73 -2.92
CA PHE A 351 -21.02 -3.17 -1.91
C PHE A 351 -21.49 -4.51 -1.32
N THR B 1 21.79 18.49 10.82
CA THR B 1 21.70 17.32 9.90
C THR B 1 20.25 17.21 9.34
N THR B 2 20.11 16.67 8.14
CA THR B 2 18.78 16.42 7.56
C THR B 2 17.91 15.53 8.47
N TYR B 3 18.50 14.47 9.03
CA TYR B 3 17.77 13.63 9.99
C TYR B 3 17.22 14.49 11.17
N ALA B 4 18.08 15.29 11.77
CA ALA B 4 17.66 16.15 12.90
C ALA B 4 16.55 17.12 12.47
N ASP B 5 16.64 17.68 11.26
CA ASP B 5 15.57 18.50 10.73
C ASP B 5 14.28 17.73 10.55
N PHE B 6 14.40 16.49 10.07
CA PHE B 6 13.21 15.67 9.94
C PHE B 6 12.58 15.42 11.30
N ILE B 7 13.38 15.00 12.28
CA ILE B 7 12.88 14.62 13.62
C ILE B 7 12.19 15.81 14.31
N ALA B 8 12.67 17.01 14.02
CA ALA B 8 12.10 18.24 14.57
C ALA B 8 10.88 18.75 13.80
N SER B 9 10.54 18.12 12.68
CA SER B 9 9.45 18.62 11.85
C SER B 9 8.12 18.11 12.39
N GLY B 10 7.02 18.67 11.92
CA GLY B 10 5.69 18.21 12.30
C GLY B 10 5.16 17.03 11.50
N ARG B 11 5.98 16.40 10.65
CA ARG B 11 5.46 15.26 9.85
C ARG B 11 6.25 13.94 10.03
N THR B 12 6.60 13.61 11.27
CA THR B 12 7.25 12.32 11.57
C THR B 12 6.25 11.28 12.07
N GLY B 13 5.02 11.73 12.37
CA GLY B 13 3.93 10.84 12.75
C GLY B 13 3.22 10.27 11.51
N ARG B 14 2.19 9.45 11.71
CA ARG B 14 1.41 8.88 10.59
C ARG B 14 0.88 9.97 9.67
N ARG B 15 1.07 9.80 8.38
CA ARG B 15 0.61 10.82 7.44
C ARG B 15 -0.71 10.40 6.83
N ASN B 16 -1.68 11.30 6.91
CA ASN B 16 -3.01 11.08 6.33
C ASN B 16 -3.00 11.19 4.81
N ALA B 17 -3.80 10.35 4.16
CA ALA B 17 -4.13 10.53 2.76
C ALA B 17 -4.91 11.83 2.58
N ILE B 18 -4.76 12.47 1.42
CA ILE B 18 -5.59 13.62 1.05
C ILE B 18 -6.71 13.17 0.13
N HIS B 19 -7.92 13.60 0.45
CA HIS B 19 -9.09 13.13 -0.29
C HIS B 19 -9.55 14.21 -1.22
N ASP B 20 -10.13 15.26 -0.63
CA ASP B 20 -10.67 16.40 -1.35
C ASP B 20 -9.58 17.42 -1.70
C1 IQB C . -4.89 -2.42 8.93
C1 IQB C . -5.11 -2.74 8.54
C2 IQB C . -5.64 -2.29 7.76
C2 IQB C . -5.78 -2.87 7.32
C3 IQB C . -5.99 -3.40 7.01
C3 IQB C . -5.93 -4.12 6.73
C4 IQB C . -5.59 -4.68 7.42
C4 IQB C . -5.43 -5.26 7.36
C5 IQB C . -4.84 -4.82 8.59
C5 IQB C . -4.76 -5.14 8.58
C6 IQB C . -4.43 -6.09 9.02
C6 IQB C . -4.25 -6.28 9.21
N7 IQB C . -3.72 -6.24 10.13
N7 IQB C . -3.62 -6.19 10.37
C8 IQB C . -3.37 -5.20 10.88
C8 IQB C . -3.45 -5.02 10.97
C9 IQB C . -3.75 -3.90 10.51
C9 IQB C . -3.92 -3.83 10.40
C10 IQB C . -4.50 -3.70 9.35
C10 IQB C . -4.60 -3.89 9.17
S IQB C . -4.48 -0.94 9.85
S IQB C . -4.94 -1.10 9.23
O1 IQB C . -4.63 -1.19 11.31
O1 IQB C . -5.46 -1.02 10.63
O2 IQB C . -5.46 0.11 9.46
O2 IQB C . -5.67 -0.16 8.34
N1' IQB C . -2.96 -0.43 9.53
N1' IQB C . -3.36 -0.69 9.31
C2' IQB C . -2.68 -0.18 8.09
C2' IQB C . -2.94 0.04 8.09
C3' IQB C . -2.96 1.29 7.69
C3' IQB C . -3.58 1.44 8.10
N4' IQB C . -2.53 2.23 8.73
N4' IQB C . -2.85 2.34 7.20
C5' IQB C . -3.67 2.55 9.60
C5' IQB C . -3.37 3.72 7.37
C6' IQB C . -4.71 3.15 8.89
C6' IQB C . -4.75 3.73 7.14
C7' IQB C . -6.03 2.83 9.24
C7' IQB C . -5.63 3.67 8.22
C1' IQB C . -7.15 3.38 8.59
C1' IQB C . -7.02 3.66 8.09
C2B IQB C . -6.99 4.29 7.55
C2B IQB C . -7.67 4.14 6.96
C3B IQB C . -8.11 4.81 6.90
C3B IQB C . -9.06 4.09 6.88
C4' IQB C . -9.40 4.43 7.31
C4' IQB C . -9.80 3.55 7.94
BR4' IQB C . -10.92 5.19 6.44
BR4' IQB C . -11.70 3.48 7.87
C5B IQB C . -9.55 3.53 8.36
C5B IQB C . -9.15 3.07 9.05
C6B IQB C . -8.42 3.01 8.99
C6B IQB C . -7.77 3.12 9.14
C1 MPD D . 7.79 -0.56 19.22
C2 MPD D . 7.19 -1.21 17.98
O2 MPD D . 8.02 -0.81 16.87
CM MPD D . 7.20 -2.71 18.18
C3 MPD D . 5.77 -0.76 17.63
C4 MPD D . 5.01 0.00 18.71
O4 MPD D . 5.61 1.25 18.98
C5 MPD D . 3.58 0.25 18.27
#